data_3N2Y
#
_entry.id   3N2Y
#
_cell.length_a   101.115
_cell.length_b   101.115
_cell.length_c   71.418
_cell.angle_alpha   90.000
_cell.angle_beta   90.000
_cell.angle_gamma   90.000
#
_symmetry.space_group_name_H-M   'P 43'
#
loop_
_entity.id
_entity.type
_entity.pdbx_description
1 polymer 'Tyrosyl-tRNA synthetase'
2 non-polymer 4-(2H-tetrazol-2-yl)-L-phenylalanine
3 water water
#
_entity_poly.entity_id   1
_entity_poly.type   'polypeptide(L)'
_entity_poly.pdbx_seq_one_letter_code
;MDEFEMIKRNTSEIISEEELREVLKKDEKSALIGFEPSGKIHLGHYLQIKKMIDLQNAGFDIIIILADLHAYLNQKGELD
EIRKIGDYNKKVFEAMGLKAKYVYGSEFMLDKDYTLNVYRLALKTTLKRARRSMELIAREDENPKVAEVIYPIMQVNGIH
YVGGDVAVGGMEQRKIHMLARELLPKKVVCIHNPVLTGLDGEGKMSSSKGNFIAVDDSPEEIRAKIKKAYCPAGVVEGNP
IMEIAKYFLEYPLTIKRPEKFGGDLTVNSYEELESLFKNKELHPMDLKNAVAEELIKILEPIRKRLLEHHHHHH
;
_entity_poly.pdbx_strand_id   A,B
#
# COMPACT_ATOMS: atom_id res chain seq x y z
N ASP A 2 -30.78 -14.39 13.71
CA ASP A 2 -31.78 -14.64 12.63
C ASP A 2 -31.13 -14.54 11.25
N GLU A 3 -31.52 -15.43 10.35
CA GLU A 3 -30.94 -15.48 8.99
C GLU A 3 -31.20 -14.21 8.19
N PHE A 4 -32.46 -13.77 8.15
CA PHE A 4 -32.85 -12.53 7.49
C PHE A 4 -32.09 -11.35 8.08
N GLU A 5 -32.08 -11.27 9.41
CA GLU A 5 -31.45 -10.15 10.11
C GLU A 5 -29.92 -10.18 9.98
N MET A 6 -29.36 -11.40 9.91
CA MET A 6 -27.94 -11.58 9.62
C MET A 6 -27.63 -10.99 8.25
N ILE A 7 -28.43 -11.37 7.26
CA ILE A 7 -28.25 -10.90 5.90
C ILE A 7 -28.46 -9.39 5.83
N LYS A 8 -29.49 -8.90 6.53
CA LYS A 8 -29.80 -7.47 6.55
C LYS A 8 -28.76 -6.63 7.27
N ARG A 9 -28.09 -7.23 8.26
CA ARG A 9 -27.16 -6.49 9.10
C ARG A 9 -26.14 -5.74 8.26
N ASN A 10 -26.06 -4.43 8.48
CA ASN A 10 -25.09 -3.54 7.82
C ASN A 10 -25.26 -3.37 6.31
N THR A 11 -26.47 -3.54 5.81
CA THR A 11 -26.78 -3.25 4.41
C THR A 11 -27.44 -1.88 4.31
N SER A 12 -27.23 -1.22 3.17
CA SER A 12 -27.92 0.04 2.89
C SER A 12 -29.38 -0.20 2.54
N GLU A 13 -29.66 -1.19 1.70
CA GLU A 13 -31.02 -1.55 1.35
C GLU A 13 -31.12 -2.99 0.86
N ILE A 14 -32.35 -3.50 0.89
CA ILE A 14 -32.70 -4.77 0.26
C ILE A 14 -33.90 -4.53 -0.64
N ILE A 15 -33.77 -4.90 -1.92
CA ILE A 15 -34.85 -4.81 -2.90
C ILE A 15 -35.25 -6.22 -3.35
N SER A 16 -36.33 -6.75 -2.79
CA SER A 16 -37.06 -6.15 -1.66
C SER A 16 -36.98 -7.10 -0.48
N GLU A 17 -37.34 -6.62 0.71
CA GLU A 17 -37.33 -7.46 1.92
C GLU A 17 -38.27 -8.67 1.81
N GLU A 18 -39.48 -8.46 1.30
CA GLU A 18 -40.43 -9.54 1.07
C GLU A 18 -39.88 -10.61 0.11
N GLU A 19 -39.32 -10.17 -1.02
CA GLU A 19 -38.74 -11.07 -2.01
C GLU A 19 -37.56 -11.87 -1.47
N LEU A 20 -36.82 -11.27 -0.53
CA LEU A 20 -35.74 -11.98 0.14
C LEU A 20 -36.31 -13.13 0.98
N ARG A 21 -37.41 -12.86 1.68
CA ARG A 21 -38.04 -13.86 2.53
C ARG A 21 -38.42 -15.09 1.70
N GLU A 22 -39.03 -14.83 0.54
CA GLU A 22 -39.48 -15.90 -0.36
C GLU A 22 -38.31 -16.74 -0.88
N VAL A 23 -37.17 -16.11 -1.10
CA VAL A 23 -35.94 -16.80 -1.47
C VAL A 23 -35.36 -17.61 -0.30
N LEU A 24 -35.63 -17.18 0.93
CA LEU A 24 -35.08 -17.85 2.12
C LEU A 24 -35.70 -19.23 2.35
N LYS A 25 -36.95 -19.41 1.91
CA LYS A 25 -37.66 -20.68 2.01
C LYS A 25 -37.17 -21.72 0.98
N LYS A 26 -36.28 -21.31 0.07
CA LYS A 26 -35.71 -22.23 -0.91
C LYS A 26 -34.53 -23.00 -0.33
N ASP A 27 -34.38 -24.25 -0.75
CA ASP A 27 -33.26 -25.08 -0.33
C ASP A 27 -32.04 -24.81 -1.19
N GLU A 28 -32.25 -24.67 -2.49
CA GLU A 28 -31.19 -24.31 -3.40
C GLU A 28 -31.37 -22.85 -3.78
N LYS A 29 -30.35 -22.05 -3.48
CA LYS A 29 -30.40 -20.61 -3.71
C LYS A 29 -28.99 -20.09 -3.92
N SER A 30 -28.83 -19.26 -4.95
CA SER A 30 -27.53 -18.70 -5.24
C SER A 30 -27.56 -17.19 -5.10
N ALA A 31 -26.40 -16.64 -4.76
CA ALA A 31 -26.21 -15.21 -4.68
C ALA A 31 -24.96 -14.88 -5.48
N LEU A 32 -25.02 -13.79 -6.25
CA LEU A 32 -23.86 -13.39 -7.04
C LEU A 32 -23.37 -11.99 -6.71
N ILE A 33 -22.11 -11.75 -7.05
CA ILE A 33 -21.50 -10.43 -7.00
C ILE A 33 -20.43 -10.43 -8.07
N GLY A 34 -20.16 -9.26 -8.63
CA GLY A 34 -19.10 -9.13 -9.61
C GLY A 34 -18.12 -8.06 -9.23
N PHE A 35 -16.88 -8.24 -9.64
CA PHE A 35 -15.84 -7.29 -9.33
C PHE A 35 -15.01 -6.98 -10.55
N GLU A 36 -14.87 -5.69 -10.83
CA GLU A 36 -13.80 -5.23 -11.69
C GLU A 36 -12.50 -5.48 -10.93
N PRO A 37 -11.61 -6.31 -11.49
CA PRO A 37 -10.31 -6.62 -10.90
C PRO A 37 -9.55 -5.39 -10.39
N SER A 38 -9.19 -5.42 -9.10
CA SER A 38 -8.47 -4.29 -8.48
C SER A 38 -7.03 -4.65 -8.14
N GLY A 39 -6.11 -3.71 -8.40
CA GLY A 39 -4.69 -3.87 -8.11
C GLY A 39 -4.40 -4.11 -6.63
N LYS A 40 -5.19 -3.46 -5.77
CA LYS A 40 -5.19 -3.71 -4.34
C LYS A 40 -6.62 -3.91 -3.85
N ILE A 41 -6.84 -4.96 -3.07
CA ILE A 41 -8.14 -5.24 -2.49
C ILE A 41 -8.31 -4.46 -1.17
N HIS A 42 -9.30 -3.58 -1.13
CA HIS A 42 -9.51 -2.76 0.07
C HIS A 42 -10.69 -3.19 0.93
N LEU A 43 -11.03 -2.36 1.91
CA LEU A 43 -12.08 -2.66 2.90
C LEU A 43 -13.49 -2.70 2.30
N GLY A 44 -13.69 -1.88 1.26
CA GLY A 44 -14.91 -1.89 0.46
C GLY A 44 -15.21 -3.27 -0.09
N HIS A 45 -14.18 -3.91 -0.65
CA HIS A 45 -14.29 -5.30 -1.10
C HIS A 45 -14.61 -6.20 0.08
N TYR A 46 -13.82 -6.07 1.14
CA TYR A 46 -13.95 -6.92 2.31
C TYR A 46 -15.36 -6.86 2.87
N LEU A 47 -15.89 -5.65 3.01
CA LEU A 47 -17.27 -5.45 3.45
C LEU A 47 -18.25 -6.31 2.65
N GLN A 48 -17.99 -6.45 1.36
CA GLN A 48 -18.89 -7.19 0.48
C GLN A 48 -18.70 -8.70 0.56
N ILE A 49 -17.44 -9.13 0.62
CA ILE A 49 -17.12 -10.54 0.82
C ILE A 49 -17.65 -11.05 2.15
N LYS A 50 -17.56 -10.22 3.19
CA LYS A 50 -18.20 -10.49 4.48
C LYS A 50 -19.69 -10.79 4.29
N LYS A 51 -20.37 -9.94 3.52
CA LYS A 51 -21.80 -10.12 3.22
C LYS A 51 -22.07 -11.39 2.44
N MET A 52 -21.16 -11.74 1.52
CA MET A 52 -21.22 -13.00 0.78
C MET A 52 -21.04 -14.21 1.69
N ILE A 53 -20.20 -14.07 2.72
CA ILE A 53 -20.05 -15.10 3.75
C ILE A 53 -21.32 -15.23 4.59
N ASP A 54 -21.92 -14.09 4.93
CA ASP A 54 -23.21 -14.07 5.63
C ASP A 54 -24.25 -14.88 4.85
N LEU A 55 -24.24 -14.73 3.53
CA LEU A 55 -25.18 -15.44 2.67
C LEU A 55 -24.78 -16.91 2.55
N GLN A 56 -23.48 -17.17 2.47
CA GLN A 56 -22.94 -18.53 2.47
C GLN A 56 -23.46 -19.31 3.68
N ASN A 57 -23.33 -18.72 4.87
CA ASN A 57 -23.78 -19.36 6.12
C ASN A 57 -25.29 -19.41 6.24
N ALA A 58 -25.99 -18.71 5.35
CA ALA A 58 -27.45 -18.76 5.28
C ALA A 58 -27.91 -19.82 4.27
N GLY A 59 -26.95 -20.54 3.68
CA GLY A 59 -27.23 -21.61 2.73
C GLY A 59 -27.30 -21.16 1.27
N PHE A 60 -26.52 -20.15 0.93
CA PHE A 60 -26.45 -19.63 -0.43
C PHE A 60 -25.19 -20.14 -1.14
N ASP A 61 -25.39 -20.77 -2.29
CA ASP A 61 -24.29 -21.07 -3.19
C ASP A 61 -23.78 -19.74 -3.73
N ILE A 62 -22.49 -19.48 -3.56
CA ILE A 62 -21.94 -18.18 -3.91
C ILE A 62 -21.21 -18.21 -5.23
N ILE A 63 -21.48 -17.19 -6.05
CA ILE A 63 -20.85 -17.02 -7.34
C ILE A 63 -20.14 -15.67 -7.39
N ILE A 64 -18.84 -15.70 -7.67
CA ILE A 64 -18.07 -14.48 -7.84
C ILE A 64 -17.76 -14.32 -9.33
N ILE A 65 -18.17 -13.19 -9.90
CA ILE A 65 -17.80 -12.90 -11.27
C ILE A 65 -16.58 -12.00 -11.24
N LEU A 66 -15.48 -12.51 -11.79
CA LEU A 66 -14.28 -11.72 -11.98
C LEU A 66 -14.44 -11.00 -13.31
N ALA A 67 -14.96 -9.77 -13.25
CA ALA A 67 -15.46 -9.06 -14.42
C ALA A 67 -14.37 -8.43 -15.27
N ASP A 68 -13.59 -9.28 -15.95
CA ASP A 68 -12.53 -8.81 -16.82
C ASP A 68 -13.03 -7.93 -17.98
N LEU A 69 -14.04 -8.42 -18.70
CA LEU A 69 -14.65 -7.66 -19.80
C LEU A 69 -15.17 -6.30 -19.36
N HIS A 70 -15.88 -6.28 -18.24
CA HIS A 70 -16.38 -5.02 -17.68
C HIS A 70 -15.26 -4.03 -17.38
N ALA A 71 -14.14 -4.52 -16.83
CA ALA A 71 -12.98 -3.66 -16.55
C ALA A 71 -12.38 -3.14 -17.86
N TYR A 72 -12.24 -4.03 -18.85
CA TYR A 72 -11.85 -3.66 -20.21
C TYR A 72 -12.73 -2.53 -20.73
N LEU A 73 -14.06 -2.71 -20.66
CA LEU A 73 -14.99 -1.67 -21.12
C LEU A 73 -14.89 -0.38 -20.33
N ASN A 74 -14.47 -0.49 -19.06
CA ASN A 74 -14.30 0.66 -18.17
C ASN A 74 -12.87 1.22 -18.19
N GLN A 75 -12.15 0.94 -19.28
CA GLN A 75 -10.81 1.50 -19.54
C GLN A 75 -9.77 1.20 -18.45
N LYS A 76 -9.74 -0.04 -17.96
CA LYS A 76 -8.77 -0.43 -16.94
C LYS A 76 -7.53 -1.08 -17.57
N GLY A 77 -7.39 -0.90 -18.88
CA GLY A 77 -6.28 -1.47 -19.62
C GLY A 77 -6.63 -2.75 -20.34
N GLU A 78 -5.58 -3.49 -20.72
CA GLU A 78 -5.71 -4.67 -21.56
C GLU A 78 -6.33 -5.83 -20.81
N LEU A 79 -6.99 -6.73 -21.53
CA LEU A 79 -7.64 -7.91 -20.95
C LEU A 79 -6.69 -8.91 -20.30
N ASP A 80 -5.51 -9.11 -20.89
CA ASP A 80 -4.59 -10.12 -20.39
C ASP A 80 -4.05 -9.75 -19.00
N GLU A 81 -3.67 -8.48 -18.84
CA GLU A 81 -3.20 -7.96 -17.54
C GLU A 81 -4.33 -7.81 -16.53
N ILE A 82 -5.55 -7.59 -17.02
CA ILE A 82 -6.74 -7.55 -16.17
C ILE A 82 -7.00 -8.92 -15.55
N ARG A 83 -6.90 -9.97 -16.37
CA ARG A 83 -7.10 -11.35 -15.91
C ARG A 83 -6.13 -11.77 -14.79
N LYS A 84 -4.88 -11.30 -14.88
CA LYS A 84 -3.86 -11.51 -13.83
C LYS A 84 -4.30 -10.87 -12.52
N ILE A 85 -4.57 -9.57 -12.57
CA ILE A 85 -5.10 -8.84 -11.43
C ILE A 85 -6.32 -9.55 -10.84
N GLY A 86 -7.18 -10.08 -11.71
CA GLY A 86 -8.33 -10.89 -11.31
C GLY A 86 -7.92 -12.13 -10.55
N ASP A 87 -6.84 -12.77 -10.99
CA ASP A 87 -6.30 -13.96 -10.33
C ASP A 87 -5.83 -13.60 -8.92
N TYR A 88 -5.01 -12.56 -8.83
CA TYR A 88 -4.62 -11.96 -7.55
C TYR A 88 -5.84 -11.64 -6.67
N ASN A 89 -6.91 -11.14 -7.28
CA ASN A 89 -8.15 -10.86 -6.56
C ASN A 89 -8.79 -12.12 -5.99
N LYS A 90 -8.78 -13.20 -6.78
CA LYS A 90 -9.25 -14.51 -6.33
C LYS A 90 -8.45 -14.96 -5.12
N LYS A 91 -7.13 -14.76 -5.15
CA LYS A 91 -6.25 -15.13 -4.03
C LYS A 91 -6.62 -14.40 -2.74
N VAL A 92 -6.95 -13.12 -2.85
CA VAL A 92 -7.34 -12.33 -1.68
C VAL A 92 -8.71 -12.75 -1.13
N PHE A 93 -9.65 -13.02 -2.02
CA PHE A 93 -10.99 -13.42 -1.62
C PHE A 93 -10.91 -14.74 -0.88
N GLU A 94 -10.14 -15.67 -1.44
CA GLU A 94 -9.95 -16.99 -0.85
C GLU A 94 -9.36 -16.90 0.57
N ALA A 95 -8.43 -15.95 0.74
CA ALA A 95 -7.82 -15.64 2.02
C ALA A 95 -8.82 -15.12 3.06
N MET A 96 -9.88 -14.47 2.59
CA MET A 96 -10.93 -13.96 3.47
C MET A 96 -11.81 -15.07 4.00
N GLY A 97 -11.53 -16.29 3.55
CA GLY A 97 -12.27 -17.47 4.00
C GLY A 97 -13.59 -17.64 3.29
N LEU A 98 -13.61 -17.25 2.02
CA LEU A 98 -14.76 -17.46 1.16
C LEU A 98 -14.51 -18.59 0.15
N LYS A 99 -15.34 -19.62 0.22
CA LYS A 99 -15.31 -20.70 -0.76
C LYS A 99 -16.52 -20.55 -1.66
N ALA A 100 -16.26 -20.33 -2.95
CA ALA A 100 -17.31 -20.04 -3.92
C ALA A 100 -16.84 -20.32 -5.35
N LYS A 101 -17.79 -20.29 -6.29
CA LYS A 101 -17.45 -20.40 -7.71
C LYS A 101 -16.90 -19.07 -8.23
N TYR A 102 -15.64 -19.08 -8.65
CA TYR A 102 -15.01 -17.93 -9.25
C TYR A 102 -15.03 -18.06 -10.79
N VAL A 103 -15.55 -17.04 -11.47
CA VAL A 103 -15.73 -17.08 -12.94
C VAL A 103 -15.28 -15.78 -13.60
N TYR A 104 -14.38 -15.89 -14.58
CA TYR A 104 -14.03 -14.76 -15.42
C TYR A 104 -15.21 -14.45 -16.33
N GLY A 105 -15.49 -13.15 -16.52
CA GLY A 105 -16.66 -12.72 -17.30
C GLY A 105 -16.61 -13.26 -18.71
N SER A 106 -15.41 -13.21 -19.29
CA SER A 106 -15.18 -13.54 -20.69
C SER A 106 -15.37 -15.02 -21.01
N GLU A 107 -15.67 -15.84 -20.01
CA GLU A 107 -15.89 -17.27 -20.21
C GLU A 107 -17.24 -17.53 -20.86
N PHE A 108 -18.17 -16.60 -20.69
CA PHE A 108 -19.55 -16.79 -21.16
C PHE A 108 -20.16 -15.51 -21.77
N MET A 109 -19.44 -14.40 -21.68
CA MET A 109 -19.97 -13.10 -22.11
C MET A 109 -19.73 -12.78 -23.59
N LEU A 110 -19.20 -13.75 -24.33
CA LEU A 110 -18.91 -13.56 -25.76
C LEU A 110 -19.57 -14.59 -26.68
N ASP A 111 -20.37 -15.48 -26.11
CA ASP A 111 -21.10 -16.47 -26.89
C ASP A 111 -22.20 -15.80 -27.71
N LYS A 112 -22.38 -16.26 -28.95
CA LYS A 112 -23.39 -15.76 -29.90
C LYS A 112 -24.65 -15.26 -29.21
N ASP A 113 -25.31 -16.15 -28.47
CA ASP A 113 -26.62 -15.89 -27.90
C ASP A 113 -26.58 -14.83 -26.80
N TYR A 114 -25.50 -14.86 -26.02
CA TYR A 114 -25.27 -13.88 -24.97
C TYR A 114 -25.19 -12.49 -25.61
N THR A 115 -24.37 -12.38 -26.65
CA THR A 115 -24.20 -11.14 -27.38
C THR A 115 -25.52 -10.68 -27.98
N LEU A 116 -26.24 -11.62 -28.58
CA LEU A 116 -27.56 -11.36 -29.13
C LEU A 116 -28.48 -10.81 -28.07
N ASN A 117 -28.42 -11.36 -26.86
CA ASN A 117 -29.30 -10.90 -25.80
C ASN A 117 -28.92 -9.53 -25.25
N VAL A 118 -27.62 -9.23 -25.28
CA VAL A 118 -27.13 -7.88 -24.97
C VAL A 118 -27.76 -6.88 -25.95
N TYR A 119 -27.77 -7.23 -27.22
CA TYR A 119 -28.37 -6.37 -28.24
C TYR A 119 -29.88 -6.28 -28.10
N ARG A 120 -30.51 -7.39 -27.73
CA ARG A 120 -31.94 -7.39 -27.40
C ARG A 120 -32.21 -6.37 -26.28
N LEU A 121 -31.31 -6.32 -25.30
CA LEU A 121 -31.45 -5.38 -24.19
C LEU A 121 -31.06 -3.96 -24.56
N ALA A 122 -30.10 -3.84 -25.48
CA ALA A 122 -29.68 -2.52 -25.98
C ALA A 122 -30.84 -1.81 -26.67
N LEU A 123 -31.76 -2.61 -27.17
CA LEU A 123 -32.97 -2.16 -27.83
C LEU A 123 -34.02 -1.75 -26.80
N LYS A 124 -33.89 -2.25 -25.57
CA LYS A 124 -34.86 -1.96 -24.52
C LYS A 124 -34.40 -0.86 -23.57
N THR A 125 -33.11 -0.56 -23.60
CA THR A 125 -32.53 0.40 -22.67
C THR A 125 -32.19 1.73 -23.34
N THR A 126 -32.70 2.82 -22.77
CA THR A 126 -32.42 4.15 -23.32
C THR A 126 -31.02 4.61 -22.92
N LEU A 127 -30.43 5.42 -23.79
CA LEU A 127 -29.10 5.95 -23.54
C LEU A 127 -29.03 6.72 -22.23
N LYS A 128 -30.05 7.53 -21.96
CA LYS A 128 -30.09 8.33 -20.75
C LYS A 128 -30.09 7.44 -19.50
N ARG A 129 -30.95 6.42 -19.51
CA ARG A 129 -31.06 5.46 -18.43
C ARG A 129 -29.73 4.73 -18.17
N ALA A 130 -29.07 4.33 -19.26
CA ALA A 130 -27.80 3.60 -19.17
C ALA A 130 -26.67 4.48 -18.67
N ARG A 131 -26.68 5.76 -19.05
CA ARG A 131 -25.65 6.71 -18.63
C ARG A 131 -25.81 7.02 -17.14
N ARG A 132 -27.06 7.09 -16.70
CA ARG A 132 -27.41 7.39 -15.33
C ARG A 132 -26.93 6.26 -14.42
N SER A 133 -27.10 5.02 -14.89
CA SER A 133 -26.73 3.84 -14.13
C SER A 133 -25.21 3.77 -13.90
N MET A 134 -24.47 4.48 -14.73
CA MET A 134 -23.02 4.42 -14.75
C MET A 134 -22.32 5.58 -14.04
N GLU A 135 -23.10 6.51 -13.49
CA GLU A 135 -22.56 7.73 -12.90
C GLU A 135 -21.52 7.47 -11.80
N LEU A 136 -21.74 6.45 -10.99
CA LEU A 136 -20.86 6.15 -9.86
C LEU A 136 -19.91 4.98 -10.13
N ILE A 137 -19.92 4.49 -11.37
CA ILE A 137 -19.12 3.35 -11.76
C ILE A 137 -18.09 3.70 -12.84
N ALA A 138 -18.50 4.53 -13.80
CA ALA A 138 -17.65 4.85 -14.95
C ALA A 138 -16.42 5.68 -14.59
N ARG A 139 -15.28 5.30 -15.17
CA ARG A 139 -14.05 6.07 -15.05
C ARG A 139 -14.29 7.49 -15.57
N GLU A 140 -13.73 8.49 -14.89
CA GLU A 140 -13.89 9.87 -15.35
C GLU A 140 -13.30 10.05 -16.75
N ASP A 141 -14.11 10.66 -17.61
CA ASP A 141 -13.71 10.91 -18.99
C ASP A 141 -14.39 12.17 -19.48
N GLU A 142 -13.58 13.09 -20.00
CA GLU A 142 -14.07 14.30 -20.66
C GLU A 142 -14.95 13.93 -21.87
N ASN A 143 -14.63 12.82 -22.51
CA ASN A 143 -15.31 12.38 -23.73
C ASN A 143 -15.83 10.93 -23.64
N PRO A 144 -16.97 10.75 -22.97
CA PRO A 144 -17.54 9.42 -22.66
C PRO A 144 -17.64 8.52 -23.88
N LYS A 145 -17.31 7.23 -23.69
CA LYS A 145 -17.23 6.27 -24.77
C LYS A 145 -18.53 5.47 -24.92
N VAL A 146 -18.68 4.81 -26.06
CA VAL A 146 -19.81 3.92 -26.30
C VAL A 146 -19.76 2.74 -25.33
N ALA A 147 -18.55 2.29 -25.02
CA ALA A 147 -18.30 1.22 -24.06
C ALA A 147 -18.97 1.46 -22.70
N GLU A 148 -19.02 2.71 -22.26
CA GLU A 148 -19.68 3.09 -21.02
C GLU A 148 -21.14 2.59 -20.95
N VAL A 149 -21.90 2.72 -22.05
CA VAL A 149 -23.31 2.31 -22.04
C VAL A 149 -23.53 0.85 -22.42
N ILE A 150 -22.49 0.18 -22.93
CA ILE A 150 -22.58 -1.25 -23.19
C ILE A 150 -22.41 -2.00 -21.86
N TYR A 151 -21.55 -1.47 -21.02
CA TYR A 151 -21.27 -2.01 -19.68
C TYR A 151 -22.55 -2.40 -18.89
N PRO A 152 -23.50 -1.44 -18.71
CA PRO A 152 -24.64 -1.76 -17.85
C PRO A 152 -25.55 -2.84 -18.40
N ILE A 153 -25.71 -2.89 -19.72
CA ILE A 153 -26.56 -3.92 -20.32
C ILE A 153 -25.88 -5.28 -20.23
N MET A 154 -24.56 -5.28 -20.24
CA MET A 154 -23.81 -6.52 -20.15
C MET A 154 -23.82 -7.11 -18.74
N GLN A 155 -23.86 -6.24 -17.73
CA GLN A 155 -24.04 -6.68 -16.36
C GLN A 155 -25.43 -7.27 -16.15
N VAL A 156 -26.47 -6.58 -16.64
CA VAL A 156 -27.85 -7.06 -16.58
C VAL A 156 -27.97 -8.45 -17.23
N ASN A 157 -27.44 -8.58 -18.44
CA ASN A 157 -27.44 -9.86 -19.14
C ASN A 157 -26.68 -10.94 -18.38
N GLY A 158 -25.54 -10.57 -17.80
CA GLY A 158 -24.77 -11.45 -16.90
C GLY A 158 -25.64 -11.95 -15.74
N ILE A 159 -26.24 -11.01 -15.02
CA ILE A 159 -27.22 -11.32 -13.98
C ILE A 159 -28.25 -12.34 -14.44
N HIS A 160 -28.81 -12.12 -15.62
CA HIS A 160 -29.75 -13.05 -16.25
C HIS A 160 -29.13 -14.41 -16.56
N TYR A 161 -27.92 -14.39 -17.12
CA TYR A 161 -27.26 -15.61 -17.56
C TYR A 161 -26.91 -16.51 -16.37
N VAL A 162 -26.28 -15.93 -15.36
CA VAL A 162 -25.86 -16.64 -14.15
C VAL A 162 -27.05 -17.29 -13.42
N GLY A 163 -28.19 -16.61 -13.43
CA GLY A 163 -29.42 -17.14 -12.85
C GLY A 163 -29.55 -17.04 -11.35
N GLY A 164 -28.77 -16.15 -10.74
CA GLY A 164 -28.78 -15.96 -9.28
C GLY A 164 -30.09 -15.44 -8.73
N ASP A 165 -30.52 -16.00 -7.60
CA ASP A 165 -31.71 -15.52 -6.89
C ASP A 165 -31.47 -14.13 -6.35
N VAL A 166 -30.23 -13.89 -5.93
CA VAL A 166 -29.83 -12.66 -5.25
C VAL A 166 -28.66 -12.02 -5.97
N ALA A 167 -28.73 -10.70 -6.17
CA ALA A 167 -27.59 -9.93 -6.66
C ALA A 167 -27.12 -9.01 -5.56
N VAL A 168 -25.81 -9.01 -5.32
CA VAL A 168 -25.23 -8.20 -4.26
C VAL A 168 -24.23 -7.22 -4.84
N GLY A 169 -24.22 -6.01 -4.28
CA GLY A 169 -23.21 -5.01 -4.66
C GLY A 169 -23.25 -3.78 -3.79
N GLY A 170 -22.37 -2.83 -4.07
CA GLY A 170 -22.40 -1.55 -3.38
C GLY A 170 -23.56 -0.73 -3.89
N MET A 171 -23.83 0.39 -3.23
CA MET A 171 -24.90 1.30 -3.65
C MET A 171 -24.67 1.89 -5.04
N GLU A 172 -23.42 1.93 -5.51
CA GLU A 172 -23.09 2.35 -6.89
C GLU A 172 -23.76 1.48 -7.96
N GLN A 173 -24.11 0.26 -7.59
CA GLN A 173 -24.67 -0.72 -8.52
C GLN A 173 -26.20 -0.68 -8.54
N ARG A 174 -26.77 0.20 -7.72
CA ARG A 174 -28.22 0.29 -7.51
C ARG A 174 -28.99 0.44 -8.82
N LYS A 175 -28.63 1.46 -9.62
CA LYS A 175 -29.36 1.78 -10.83
C LYS A 175 -29.32 0.65 -11.89
N ILE A 176 -28.16 0.03 -12.06
CA ILE A 176 -28.03 -1.14 -12.93
C ILE A 176 -28.88 -2.31 -12.43
N HIS A 177 -29.07 -2.41 -11.11
CA HIS A 177 -29.89 -3.47 -10.54
C HIS A 177 -31.40 -3.23 -10.72
N MET A 178 -31.79 -1.96 -10.60
CA MET A 178 -33.14 -1.53 -10.93
C MET A 178 -33.47 -1.87 -12.39
N LEU A 179 -32.51 -1.62 -13.29
CA LEU A 179 -32.61 -2.04 -14.68
C LEU A 179 -32.84 -3.53 -14.84
N ALA A 180 -31.97 -4.34 -14.26
CA ALA A 180 -32.10 -5.81 -14.29
C ALA A 180 -33.47 -6.29 -13.82
N ARG A 181 -34.09 -5.55 -12.90
CA ARG A 181 -35.38 -5.94 -12.36
C ARG A 181 -36.52 -5.57 -13.29
N GLU A 182 -36.33 -4.50 -14.05
CA GLU A 182 -37.30 -4.07 -15.04
C GLU A 182 -37.28 -4.92 -16.31
N LEU A 183 -36.10 -5.30 -16.76
CA LEU A 183 -35.92 -5.88 -18.10
C LEU A 183 -35.96 -7.39 -18.17
N LEU A 184 -35.70 -8.05 -17.05
CA LEU A 184 -35.55 -9.51 -17.05
C LEU A 184 -36.85 -10.21 -16.64
N PRO A 185 -37.08 -11.43 -17.17
CA PRO A 185 -38.25 -12.23 -16.83
C PRO A 185 -38.35 -12.48 -15.33
N LYS A 186 -37.20 -12.79 -14.73
CA LYS A 186 -37.08 -13.04 -13.32
C LYS A 186 -36.44 -11.83 -12.64
N LYS A 187 -37.15 -11.31 -11.63
CA LYS A 187 -36.63 -10.22 -10.80
C LYS A 187 -35.64 -10.76 -9.78
N VAL A 188 -34.44 -10.19 -9.76
CA VAL A 188 -33.44 -10.56 -8.76
C VAL A 188 -33.59 -9.74 -7.49
N VAL A 189 -33.44 -10.41 -6.35
CA VAL A 189 -33.36 -9.72 -5.06
C VAL A 189 -32.01 -9.01 -4.97
N CYS A 190 -32.06 -7.72 -4.65
CA CYS A 190 -30.86 -6.90 -4.64
C CYS A 190 -30.43 -6.50 -3.23
N ILE A 191 -29.22 -6.89 -2.87
CA ILE A 191 -28.64 -6.51 -1.59
C ILE A 191 -27.53 -5.52 -1.83
N HIS A 192 -27.74 -4.29 -1.37
CA HIS A 192 -26.78 -3.22 -1.59
C HIS A 192 -26.09 -2.85 -0.30
N ASN A 193 -24.76 -2.87 -0.37
CA ASN A 193 -23.92 -2.54 0.76
C ASN A 193 -23.57 -1.08 0.73
N PRO A 194 -23.39 -0.48 1.92
CA PRO A 194 -22.95 0.91 2.04
C PRO A 194 -21.61 1.13 1.37
N VAL A 195 -21.40 2.35 0.87
CA VAL A 195 -20.12 2.73 0.28
C VAL A 195 -19.30 3.44 1.35
N LEU A 196 -18.07 2.97 1.55
CA LEU A 196 -17.21 3.50 2.59
C LEU A 196 -16.58 4.82 2.20
N THR A 197 -16.50 5.75 3.14
CA THR A 197 -15.89 7.06 2.91
C THR A 197 -14.37 6.94 2.82
N GLY A 198 -13.75 7.86 2.06
CA GLY A 198 -12.31 7.89 1.92
C GLY A 198 -11.65 8.35 3.21
N LEU A 199 -10.40 7.93 3.41
CA LEU A 199 -9.66 8.26 4.64
C LEU A 199 -9.50 9.76 4.89
N ASP A 200 -9.41 10.54 3.80
CA ASP A 200 -9.33 12.01 3.94
C ASP A 200 -10.72 12.64 4.13
N GLY A 201 -11.75 11.81 4.12
CA GLY A 201 -13.12 12.26 4.39
C GLY A 201 -13.82 12.89 3.19
N GLU A 202 -13.09 13.03 2.09
CA GLU A 202 -13.60 13.67 0.87
C GLU A 202 -13.95 12.64 -0.19
N GLY A 203 -15.25 12.55 -0.47
CA GLY A 203 -15.77 11.64 -1.48
C GLY A 203 -15.64 10.21 -1.02
N LYS A 204 -16.31 9.32 -1.74
CA LYS A 204 -16.31 7.91 -1.38
C LYS A 204 -14.93 7.30 -1.58
N MET A 205 -14.75 6.09 -1.04
CA MET A 205 -13.51 5.35 -1.18
C MET A 205 -13.56 4.52 -2.45
N SER A 206 -12.66 4.85 -3.38
CA SER A 206 -12.44 4.06 -4.58
C SER A 206 -10.98 3.61 -4.63
N SER A 207 -10.72 2.56 -5.41
CA SER A 207 -9.37 2.00 -5.52
C SER A 207 -8.46 2.86 -6.39
N SER A 208 -9.02 3.91 -6.99
CA SER A 208 -8.25 4.80 -7.87
C SER A 208 -8.06 6.18 -7.26
N LYS A 209 -8.72 6.43 -6.13
CA LYS A 209 -8.54 7.65 -5.37
C LYS A 209 -7.46 7.46 -4.28
N GLY A 210 -7.02 6.21 -4.11
CA GLY A 210 -5.93 5.85 -3.19
C GLY A 210 -6.16 6.36 -1.77
N ASN A 211 -7.40 6.27 -1.32
CA ASN A 211 -7.83 6.79 -0.02
C ASN A 211 -8.31 5.64 0.85
N PHE A 212 -7.73 4.47 0.64
CA PHE A 212 -8.22 3.22 1.20
C PHE A 212 -7.19 2.49 2.06
N ILE A 213 -7.68 1.56 2.87
CA ILE A 213 -6.85 0.61 3.57
C ILE A 213 -6.97 -0.73 2.86
N ALA A 214 -5.85 -1.20 2.31
CA ALA A 214 -5.80 -2.51 1.71
C ALA A 214 -5.76 -3.57 2.79
N VAL A 215 -6.40 -4.72 2.52
CA VAL A 215 -6.45 -5.83 3.50
C VAL A 215 -5.08 -6.42 3.81
N ASP A 216 -4.07 -6.08 3.00
CA ASP A 216 -2.73 -6.62 3.16
C ASP A 216 -1.70 -5.51 3.43
N ASP A 217 -2.21 -4.32 3.77
CA ASP A 217 -1.35 -3.21 4.21
C ASP A 217 -0.57 -3.59 5.47
N SER A 218 0.64 -3.04 5.59
CA SER A 218 1.48 -3.29 6.77
C SER A 218 0.89 -2.60 8.00
N PRO A 219 1.02 -3.25 9.18
CA PRO A 219 0.47 -2.66 10.41
C PRO A 219 0.87 -1.20 10.62
N GLU A 220 2.03 -0.80 10.10
CA GLU A 220 2.49 0.60 10.18
C GLU A 220 1.73 1.50 9.20
N GLU A 221 1.43 0.98 8.01
CA GLU A 221 0.59 1.70 7.04
C GLU A 221 -0.80 1.93 7.61
N ILE A 222 -1.41 0.85 8.12
CA ILE A 222 -2.70 0.93 8.79
C ILE A 222 -2.67 1.99 9.89
N ARG A 223 -1.64 1.95 10.74
CA ARG A 223 -1.49 2.92 11.83
C ARG A 223 -1.32 4.34 11.32
N ALA A 224 -0.55 4.53 10.25
CA ALA A 224 -0.34 5.87 9.69
C ALA A 224 -1.57 6.35 8.91
N LYS A 225 -2.26 5.42 8.25
CA LYS A 225 -3.46 5.74 7.50
C LYS A 225 -4.57 6.17 8.44
N ILE A 226 -4.85 5.33 9.43
CA ILE A 226 -5.80 5.68 10.49
C ILE A 226 -5.39 7.02 11.14
N LYS A 227 -4.10 7.14 11.46
CA LYS A 227 -3.57 8.33 12.15
C LYS A 227 -3.86 9.63 11.40
N LYS A 228 -3.65 9.62 10.09
CA LYS A 228 -3.82 10.80 9.24
C LYS A 228 -5.28 11.09 8.87
N ALA A 229 -6.14 10.09 9.05
CA ALA A 229 -7.52 10.10 8.54
C ALA A 229 -8.42 11.19 9.14
N TYR A 230 -9.46 11.54 8.37
CA TYR A 230 -10.47 12.50 8.77
C TYR A 230 -11.34 11.88 9.85
N CYS A 231 -11.41 12.54 11.00
CA CYS A 231 -12.14 12.01 12.15
C CYS A 231 -12.40 13.11 13.18
N PRO A 232 -13.32 14.03 12.85
CA PRO A 232 -13.50 15.19 13.72
C PRO A 232 -14.34 14.88 14.94
N ALA A 233 -14.07 15.59 16.04
CA ALA A 233 -14.75 15.38 17.31
C ALA A 233 -16.25 15.40 17.14
N GLY A 234 -16.91 14.36 17.67
CA GLY A 234 -18.37 14.26 17.65
C GLY A 234 -19.02 14.23 16.28
N VAL A 235 -18.24 13.91 15.25
CA VAL A 235 -18.75 13.85 13.88
C VAL A 235 -18.79 12.41 13.39
N VAL A 236 -20.01 11.88 13.25
CA VAL A 236 -20.24 10.50 12.78
C VAL A 236 -20.36 10.41 11.26
N GLU A 237 -21.12 11.35 10.67
CA GLU A 237 -21.34 11.36 9.22
C GLU A 237 -20.05 11.59 8.45
N GLY A 238 -19.81 10.75 7.44
CA GLY A 238 -18.63 10.85 6.59
C GLY A 238 -17.32 10.63 7.34
N ASN A 239 -17.38 9.90 8.45
CA ASN A 239 -16.20 9.58 9.27
C ASN A 239 -15.77 8.15 9.03
N PRO A 240 -14.68 7.95 8.27
CA PRO A 240 -14.25 6.61 7.86
C PRO A 240 -13.88 5.72 9.04
N ILE A 241 -13.32 6.33 10.10
CA ILE A 241 -12.88 5.60 11.29
C ILE A 241 -14.08 5.01 12.03
N MET A 242 -15.13 5.82 12.17
CA MET A 242 -16.40 5.35 12.69
C MET A 242 -16.97 4.24 11.81
N GLU A 243 -16.98 4.47 10.50
CA GLU A 243 -17.46 3.45 9.56
C GLU A 243 -16.72 2.13 9.72
N ILE A 244 -15.38 2.19 9.77
CA ILE A 244 -14.56 1.00 10.03
C ILE A 244 -14.96 0.33 11.35
N ALA A 245 -15.28 1.14 12.35
CA ALA A 245 -15.72 0.61 13.65
C ALA A 245 -17.06 -0.09 13.54
N LYS A 246 -17.95 0.48 12.73
CA LYS A 246 -19.30 -0.03 12.55
C LYS A 246 -19.33 -1.35 11.80
N TYR A 247 -18.51 -1.44 10.75
CA TYR A 247 -18.64 -2.53 9.80
C TYR A 247 -17.66 -3.68 10.02
N PHE A 248 -16.59 -3.44 10.76
CA PHE A 248 -15.51 -4.46 10.88
C PHE A 248 -15.22 -5.00 12.28
N LEU A 249 -15.41 -4.15 13.30
CA LEU A 249 -15.02 -4.47 14.67
C LEU A 249 -16.05 -5.33 15.40
N GLU A 250 -15.54 -6.25 16.23
CA GLU A 250 -16.39 -7.11 17.06
C GLU A 250 -16.72 -6.42 18.37
N TYR A 251 -17.93 -6.67 18.87
CA TYR A 251 -18.41 -6.11 20.13
C TYR A 251 -18.82 -7.25 21.07
N PRO A 252 -18.47 -7.16 22.37
CA PRO A 252 -17.89 -6.02 23.10
C PRO A 252 -16.50 -5.61 22.66
N LEU A 253 -16.28 -4.30 22.63
CA LEU A 253 -15.00 -3.72 22.26
C LEU A 253 -14.42 -2.95 23.45
N THR A 254 -13.14 -3.16 23.72
CA THR A 254 -12.43 -2.38 24.72
C THR A 254 -11.54 -1.35 24.03
N ILE A 255 -11.68 -0.10 24.43
CA ILE A 255 -10.86 1.00 23.93
C ILE A 255 -9.83 1.38 25.00
N LYS A 256 -8.57 1.03 24.76
CA LYS A 256 -7.50 1.32 25.70
C LYS A 256 -7.13 2.80 25.68
N ARG A 257 -7.19 3.44 26.85
CA ARG A 257 -6.77 4.82 27.03
C ARG A 257 -6.10 4.97 28.39
N PRO A 258 -5.11 5.88 28.49
CA PRO A 258 -4.53 6.18 29.80
C PRO A 258 -5.58 6.66 30.80
N GLU A 259 -5.35 6.38 32.08
CA GLU A 259 -6.20 6.85 33.17
C GLU A 259 -6.29 8.39 33.19
N LYS A 260 -5.24 9.01 32.67
CA LYS A 260 -5.14 10.46 32.47
C LYS A 260 -6.28 11.00 31.58
N PHE A 261 -6.69 10.22 30.58
CA PHE A 261 -7.75 10.63 29.65
C PHE A 261 -9.05 9.86 29.79
N GLY A 262 -9.30 9.32 30.98
CA GLY A 262 -10.56 8.62 31.27
C GLY A 262 -10.44 7.14 31.57
N GLY A 263 -9.31 6.55 31.21
CA GLY A 263 -9.11 5.12 31.40
C GLY A 263 -9.84 4.29 30.37
N ASP A 264 -9.48 3.01 30.27
CA ASP A 264 -10.10 2.05 29.36
C ASP A 264 -11.63 2.10 29.44
N LEU A 265 -12.30 2.02 28.30
CA LEU A 265 -13.75 1.87 28.29
C LEU A 265 -14.24 0.77 27.35
N THR A 266 -15.19 -0.01 27.85
CA THR A 266 -15.75 -1.11 27.12
C THR A 266 -17.08 -0.68 26.52
N VAL A 267 -17.28 -1.00 25.25
CA VAL A 267 -18.56 -0.75 24.57
C VAL A 267 -19.12 -2.08 24.07
N ASN A 268 -20.40 -2.32 24.33
CA ASN A 268 -21.05 -3.57 23.97
C ASN A 268 -21.74 -3.54 22.60
N SER A 269 -21.76 -2.36 21.99
CA SER A 269 -22.35 -2.15 20.66
C SER A 269 -21.83 -0.89 20.00
N TYR A 270 -21.75 -0.90 18.66
CA TYR A 270 -21.39 0.30 17.90
C TYR A 270 -22.26 1.51 18.25
N GLU A 271 -23.55 1.27 18.48
CA GLU A 271 -24.47 2.32 18.92
C GLU A 271 -23.95 3.06 20.16
N GLU A 272 -23.53 2.31 21.17
CA GLU A 272 -22.91 2.87 22.38
C GLU A 272 -21.67 3.70 22.02
N LEU A 273 -20.85 3.18 21.11
CA LEU A 273 -19.69 3.91 20.58
C LEU A 273 -20.09 5.22 19.91
N GLU A 274 -21.08 5.13 19.02
CA GLU A 274 -21.65 6.30 18.33
C GLU A 274 -22.03 7.36 19.36
N SER A 275 -22.81 6.94 20.36
CA SER A 275 -23.23 7.80 21.47
C SER A 275 -22.06 8.48 22.19
N LEU A 276 -21.09 7.68 22.63
CA LEU A 276 -19.92 8.18 23.36
C LEU A 276 -19.12 9.17 22.53
N PHE A 277 -19.02 8.89 21.23
CA PHE A 277 -18.25 9.73 20.32
C PHE A 277 -18.93 11.08 20.06
N LYS A 278 -20.25 11.04 19.85
CA LYS A 278 -21.05 12.26 19.64
C LYS A 278 -21.04 13.15 20.89
N ASN A 279 -21.09 12.51 22.06
CA ASN A 279 -20.99 13.21 23.34
C ASN A 279 -19.62 13.82 23.58
N LYS A 280 -18.69 13.56 22.66
CA LYS A 280 -17.29 13.98 22.80
C LYS A 280 -16.64 13.40 24.08
N GLU A 281 -17.19 12.28 24.54
CA GLU A 281 -16.67 11.55 25.70
C GLU A 281 -15.53 10.62 25.29
N LEU A 282 -15.41 10.38 23.98
CA LEU A 282 -14.31 9.62 23.40
C LEU A 282 -13.62 10.42 22.28
N HIS A 283 -12.32 10.64 22.45
CA HIS A 283 -11.52 11.45 21.55
C HIS A 283 -11.13 10.67 20.29
N PRO A 284 -11.10 11.36 19.12
CA PRO A 284 -10.60 10.85 17.84
C PRO A 284 -9.32 10.00 17.93
N MET A 285 -8.29 10.51 18.60
CA MET A 285 -6.99 9.82 18.72
C MET A 285 -7.16 8.46 19.40
N ASP A 286 -7.99 8.41 20.43
CA ASP A 286 -8.22 7.18 21.18
C ASP A 286 -9.09 6.20 20.38
N LEU A 287 -10.07 6.75 19.68
CA LEU A 287 -10.87 5.99 18.71
C LEU A 287 -9.97 5.39 17.65
N LYS A 288 -9.08 6.22 17.10
CA LYS A 288 -8.19 5.80 16.04
C LYS A 288 -7.30 4.66 16.49
N ASN A 289 -6.66 4.84 17.65
CA ASN A 289 -5.72 3.86 18.17
C ASN A 289 -6.39 2.52 18.42
N ALA A 290 -7.61 2.56 18.94
CA ALA A 290 -8.39 1.34 19.16
C ALA A 290 -8.75 0.68 17.82
N VAL A 291 -9.37 1.48 16.92
CA VAL A 291 -9.75 1.00 15.59
C VAL A 291 -8.57 0.39 14.82
N ALA A 292 -7.42 1.05 14.87
CA ALA A 292 -6.24 0.57 14.16
C ALA A 292 -5.72 -0.77 14.70
N GLU A 293 -5.69 -0.92 16.01
CA GLU A 293 -5.18 -2.16 16.60
C GLU A 293 -6.11 -3.33 16.38
N GLU A 294 -7.41 -3.08 16.46
CA GLU A 294 -8.42 -4.10 16.22
C GLU A 294 -8.50 -4.46 14.74
N LEU A 295 -8.28 -3.48 13.87
CA LEU A 295 -8.28 -3.69 12.43
C LEU A 295 -7.11 -4.57 12.03
N ILE A 296 -5.97 -4.39 12.68
CA ILE A 296 -4.80 -5.23 12.44
C ILE A 296 -5.09 -6.69 12.82
N LYS A 297 -5.64 -6.89 14.02
CA LYS A 297 -5.99 -8.23 14.50
C LYS A 297 -6.92 -8.96 13.54
N ILE A 298 -7.85 -8.22 12.95
CA ILE A 298 -8.82 -8.78 12.00
C ILE A 298 -8.18 -9.08 10.64
N LEU A 299 -7.42 -8.12 10.11
CA LEU A 299 -6.79 -8.26 8.79
C LEU A 299 -5.49 -9.07 8.82
N GLU A 300 -5.14 -9.59 9.99
CA GLU A 300 -3.88 -10.32 10.19
C GLU A 300 -3.84 -11.67 9.48
N PRO A 301 -4.84 -12.55 9.71
CA PRO A 301 -4.78 -13.87 9.06
C PRO A 301 -4.89 -13.80 7.54
N ILE A 302 -5.63 -12.80 7.04
CA ILE A 302 -5.76 -12.55 5.61
C ILE A 302 -4.39 -12.25 5.03
N ARG A 303 -3.72 -11.27 5.63
CA ARG A 303 -2.39 -10.86 5.21
C ARG A 303 -1.37 -12.00 5.34
N LYS A 304 -1.62 -12.92 6.29
CA LYS A 304 -0.76 -14.07 6.52
C LYS A 304 -0.74 -15.09 5.38
N ARG A 305 -1.89 -15.28 4.75
CA ARG A 305 -1.99 -16.23 3.64
C ARG A 305 -1.21 -15.70 2.44
N LEU A 306 0.08 -16.01 2.41
CA LEU A 306 0.95 -15.57 1.32
C LEU A 306 2.37 -16.07 1.50
N ASP B 2 33.17 5.56 -15.59
CA ASP B 2 34.15 5.48 -14.47
C ASP B 2 33.51 4.89 -13.22
N GLU B 3 34.17 3.90 -12.64
CA GLU B 3 33.67 3.20 -11.45
C GLU B 3 33.47 4.13 -10.26
N PHE B 4 34.46 4.99 -9.99
CA PHE B 4 34.37 5.97 -8.91
C PHE B 4 33.13 6.85 -9.05
N GLU B 5 32.97 7.44 -10.23
CA GLU B 5 31.86 8.38 -10.46
C GLU B 5 30.51 7.68 -10.47
N MET B 6 30.49 6.43 -10.93
CA MET B 6 29.29 5.60 -10.88
C MET B 6 28.83 5.40 -9.43
N ILE B 7 29.78 5.07 -8.56
CA ILE B 7 29.49 4.85 -7.15
C ILE B 7 29.14 6.17 -6.48
N LYS B 8 29.90 7.22 -6.80
CA LYS B 8 29.61 8.56 -6.26
C LYS B 8 28.25 9.10 -6.70
N ARG B 9 27.79 8.72 -7.88
CA ARG B 9 26.59 9.30 -8.43
C ARG B 9 25.42 9.15 -7.47
N ASN B 10 24.75 10.27 -7.22
CA ASN B 10 23.56 10.36 -6.36
C ASN B 10 23.75 9.99 -4.89
N THR B 11 24.97 10.20 -4.39
CA THR B 11 25.24 10.07 -2.96
C THR B 11 25.31 11.44 -2.32
N SER B 12 24.96 11.51 -1.04
CA SER B 12 25.10 12.74 -0.28
C SER B 12 26.55 13.01 0.10
N GLU B 13 27.27 11.95 0.48
CA GLU B 13 28.69 12.06 0.84
C GLU B 13 29.42 10.74 0.75
N ILE B 14 30.74 10.83 0.60
CA ILE B 14 31.62 9.69 0.74
C ILE B 14 32.66 10.05 1.78
N ILE B 15 32.77 9.20 2.80
CA ILE B 15 33.78 9.35 3.84
C ILE B 15 34.71 8.14 3.79
N SER B 16 35.88 8.31 3.16
CA SER B 16 36.23 9.53 2.43
C SER B 16 36.46 9.19 0.95
N GLU B 17 36.46 10.22 0.10
CA GLU B 17 36.69 10.01 -1.34
C GLU B 17 38.07 9.41 -1.64
N GLU B 18 39.08 9.85 -0.90
CA GLU B 18 40.44 9.34 -1.08
C GLU B 18 40.56 7.87 -0.67
N GLU B 19 39.94 7.51 0.46
CA GLU B 19 39.95 6.12 0.96
C GLU B 19 39.24 5.18 0.00
N LEU B 20 38.18 5.67 -0.64
CA LEU B 20 37.41 4.90 -1.62
C LEU B 20 38.27 4.55 -2.83
N ARG B 21 39.10 5.49 -3.26
CA ARG B 21 40.03 5.23 -4.37
C ARG B 21 40.92 4.04 -4.04
N GLU B 22 41.45 4.04 -2.83
CA GLU B 22 42.37 2.99 -2.37
C GLU B 22 41.71 1.61 -2.35
N VAL B 23 40.42 1.58 -2.03
CA VAL B 23 39.66 0.32 -2.02
C VAL B 23 39.32 -0.15 -3.44
N LEU B 24 39.30 0.77 -4.40
CA LEU B 24 39.00 0.40 -5.79
C LEU B 24 40.16 -0.34 -6.46
N LYS B 25 41.39 -0.04 -6.04
CA LYS B 25 42.59 -0.73 -6.52
C LYS B 25 42.69 -2.18 -6.03
N LYS B 26 41.74 -2.59 -5.18
CA LYS B 26 41.71 -3.96 -4.66
C LYS B 26 40.79 -4.85 -5.48
N ASP B 27 41.20 -6.08 -5.69
CA ASP B 27 40.41 -7.05 -6.45
C ASP B 27 39.23 -7.55 -5.64
N GLU B 28 39.52 -8.15 -4.49
CA GLU B 28 38.47 -8.57 -3.58
C GLU B 28 38.15 -7.42 -2.63
N LYS B 29 36.89 -7.01 -2.65
CA LYS B 29 36.41 -5.90 -1.85
C LYS B 29 34.95 -6.09 -1.57
N SER B 30 34.56 -5.85 -0.33
CA SER B 30 33.18 -6.08 0.06
C SER B 30 32.54 -4.76 0.49
N ALA B 31 31.23 -4.70 0.30
CA ALA B 31 30.44 -3.58 0.76
C ALA B 31 29.27 -4.13 1.56
N LEU B 32 28.90 -3.42 2.62
CA LEU B 32 27.80 -3.89 3.47
C LEU B 32 26.72 -2.83 3.62
N ILE B 33 25.51 -3.30 3.93
CA ILE B 33 24.42 -2.45 4.35
C ILE B 33 23.56 -3.29 5.27
N GLY B 34 22.84 -2.64 6.18
CA GLY B 34 21.91 -3.35 7.04
C GLY B 34 20.53 -2.72 6.99
N PHE B 35 19.52 -3.56 7.18
CA PHE B 35 18.14 -3.08 7.18
C PHE B 35 17.35 -3.67 8.34
N GLU B 36 16.72 -2.79 9.10
CA GLU B 36 15.66 -3.19 10.01
C GLU B 36 14.50 -3.62 9.11
N PRO B 37 14.07 -4.90 9.22
CA PRO B 37 12.96 -5.41 8.42
C PRO B 37 11.76 -4.46 8.40
N SER B 38 11.30 -4.12 7.19
CA SER B 38 10.16 -3.22 7.00
C SER B 38 8.92 -3.95 6.45
N GLY B 39 7.75 -3.61 6.98
CA GLY B 39 6.47 -4.19 6.54
C GLY B 39 6.24 -4.06 5.04
N LYS B 40 6.66 -2.91 4.50
CA LYS B 40 6.65 -2.67 3.07
C LYS B 40 7.92 -1.95 2.61
N ILE B 41 8.61 -2.52 1.62
CA ILE B 41 9.85 -1.95 1.09
C ILE B 41 9.55 -0.76 0.17
N HIS B 42 10.05 0.42 0.53
CA HIS B 42 9.78 1.62 -0.26
C HIS B 42 10.96 2.09 -1.11
N LEU B 43 10.82 3.29 -1.68
CA LEU B 43 11.80 3.87 -2.61
C LEU B 43 13.16 4.17 -1.98
N GLY B 44 13.13 4.53 -0.70
CA GLY B 44 14.34 4.73 0.10
C GLY B 44 15.19 3.49 0.08
N HIS B 45 14.57 2.34 0.32
CA HIS B 45 15.25 1.06 0.24
C HIS B 45 15.80 0.85 -1.17
N TYR B 46 14.93 1.07 -2.16
CA TYR B 46 15.28 0.86 -3.56
C TYR B 46 16.47 1.72 -3.97
N LEU B 47 16.46 2.99 -3.58
CA LEU B 47 17.59 3.88 -3.82
C LEU B 47 18.89 3.26 -3.32
N GLN B 48 18.82 2.61 -2.16
CA GLN B 48 20.01 2.04 -1.52
C GLN B 48 20.44 0.73 -2.16
N ILE B 49 19.48 -0.14 -2.46
CA ILE B 49 19.75 -1.37 -3.21
C ILE B 49 20.37 -1.09 -4.58
N LYS B 50 19.91 -0.01 -5.23
CA LYS B 50 20.51 0.50 -6.48
C LYS B 50 21.99 0.86 -6.30
N LYS B 51 22.33 1.47 -5.17
CA LYS B 51 23.72 1.83 -4.86
C LYS B 51 24.57 0.58 -4.61
N MET B 52 23.94 -0.45 -4.02
CA MET B 52 24.61 -1.73 -3.81
C MET B 52 24.90 -2.43 -5.14
N ILE B 53 23.95 -2.36 -6.07
CA ILE B 53 24.16 -2.86 -7.44
C ILE B 53 25.27 -2.07 -8.13
N ASP B 54 25.25 -0.75 -7.97
CA ASP B 54 26.34 0.09 -8.50
C ASP B 54 27.69 -0.37 -7.97
N LEU B 55 27.73 -0.70 -6.68
CA LEU B 55 28.94 -1.20 -6.04
C LEU B 55 29.31 -2.60 -6.55
N GLN B 56 28.29 -3.43 -6.73
CA GLN B 56 28.48 -4.79 -7.24
C GLN B 56 29.10 -4.78 -8.63
N ASN B 57 28.56 -3.94 -9.51
CA ASN B 57 29.07 -3.80 -10.88
C ASN B 57 30.47 -3.22 -10.89
N ALA B 58 30.89 -2.68 -9.75
CA ALA B 58 32.25 -2.17 -9.59
C ALA B 58 33.22 -3.24 -9.05
N GLY B 59 32.71 -4.45 -8.85
CA GLY B 59 33.52 -5.58 -8.38
C GLY B 59 33.39 -5.93 -6.90
N PHE B 60 32.48 -5.25 -6.22
CA PHE B 60 32.23 -5.46 -4.80
C PHE B 60 31.38 -6.69 -4.54
N ASP B 61 31.82 -7.52 -3.58
CA ASP B 61 30.95 -8.53 -3.00
C ASP B 61 29.99 -7.80 -2.07
N ILE B 62 28.71 -8.12 -2.18
CA ILE B 62 27.73 -7.40 -1.41
C ILE B 62 27.24 -8.24 -0.24
N ILE B 63 27.08 -7.59 0.92
CA ILE B 63 26.57 -8.24 2.12
C ILE B 63 25.36 -7.46 2.63
N ILE B 64 24.25 -8.16 2.85
CA ILE B 64 23.03 -7.54 3.35
C ILE B 64 22.73 -8.07 4.74
N ILE B 65 22.76 -7.19 5.73
CA ILE B 65 22.39 -7.59 7.08
C ILE B 65 20.92 -7.34 7.29
N LEU B 66 20.15 -8.41 7.38
CA LEU B 66 18.76 -8.34 7.75
C LEU B 66 18.75 -8.21 9.27
N ALA B 67 18.63 -6.98 9.74
CA ALA B 67 18.94 -6.63 11.13
C ALA B 67 17.79 -6.86 12.10
N ASP B 68 17.50 -8.14 12.35
CA ASP B 68 16.42 -8.51 13.27
C ASP B 68 16.63 -7.98 14.70
N LEU B 69 17.83 -8.19 15.26
CA LEU B 69 18.15 -7.71 16.61
C LEU B 69 17.98 -6.20 16.73
N HIS B 70 18.52 -5.47 15.76
CA HIS B 70 18.40 -4.02 15.78
C HIS B 70 16.93 -3.58 15.77
N ALA B 71 16.10 -4.23 14.96
CA ALA B 71 14.66 -3.95 14.96
C ALA B 71 14.03 -4.28 16.31
N TYR B 72 14.36 -5.46 16.85
CA TYR B 72 13.98 -5.82 18.23
C TYR B 72 14.36 -4.73 19.23
N LEU B 73 15.61 -4.30 19.20
CA LEU B 73 16.10 -3.24 20.12
C LEU B 73 15.43 -1.88 19.89
N ASN B 74 14.93 -1.67 18.67
CA ASN B 74 14.28 -0.42 18.26
C ASN B 74 12.76 -0.53 18.34
N GLN B 75 12.28 -1.47 19.17
CA GLN B 75 10.87 -1.62 19.51
C GLN B 75 9.95 -1.95 18.30
N LYS B 76 10.42 -2.84 17.42
CA LYS B 76 9.64 -3.27 16.27
C LYS B 76 8.96 -4.62 16.50
N GLY B 77 8.68 -4.92 17.77
CA GLY B 77 7.99 -6.16 18.15
C GLY B 77 8.91 -7.35 18.32
N GLU B 78 8.32 -8.54 18.23
CA GLU B 78 9.03 -9.78 18.56
C GLU B 78 10.00 -10.22 17.47
N LEU B 79 11.06 -10.91 17.87
CA LEU B 79 12.07 -11.41 16.94
C LEU B 79 11.52 -12.33 15.86
N ASP B 80 10.57 -13.20 16.22
CA ASP B 80 10.09 -14.22 15.29
C ASP B 80 9.27 -13.60 14.13
N GLU B 81 8.42 -12.63 14.46
CA GLU B 81 7.68 -11.89 13.44
C GLU B 81 8.58 -10.94 12.64
N ILE B 82 9.66 -10.47 13.27
CA ILE B 82 10.64 -9.62 12.60
C ILE B 82 11.46 -10.40 11.58
N ARG B 83 11.77 -11.65 11.91
CA ARG B 83 12.50 -12.54 10.98
C ARG B 83 11.69 -12.91 9.75
N LYS B 84 10.35 -12.96 9.90
CA LYS B 84 9.42 -13.20 8.80
C LYS B 84 9.44 -12.01 7.83
N ILE B 85 9.17 -10.82 8.37
CA ILE B 85 9.24 -9.56 7.63
C ILE B 85 10.60 -9.41 6.92
N GLY B 86 11.66 -9.86 7.58
CA GLY B 86 13.00 -9.89 6.99
C GLY B 86 13.06 -10.79 5.77
N ASP B 87 12.47 -11.97 5.88
CA ASP B 87 12.39 -12.92 4.77
C ASP B 87 11.65 -12.30 3.58
N TYR B 88 10.50 -11.67 3.86
CA TYR B 88 9.77 -10.89 2.86
C TYR B 88 10.62 -9.76 2.28
N ASN B 89 11.44 -9.11 3.12
CA ASN B 89 12.34 -8.06 2.67
C ASN B 89 13.44 -8.61 1.75
N LYS B 90 13.96 -9.79 2.08
CA LYS B 90 14.92 -10.47 1.21
C LYS B 90 14.31 -10.74 -0.16
N LYS B 91 13.06 -11.21 -0.17
CA LYS B 91 12.35 -11.50 -1.42
C LYS B 91 12.14 -10.25 -2.27
N VAL B 92 11.85 -9.13 -1.62
CA VAL B 92 11.70 -7.85 -2.33
C VAL B 92 13.04 -7.34 -2.89
N PHE B 93 14.12 -7.51 -2.12
CA PHE B 93 15.45 -7.15 -2.60
C PHE B 93 15.81 -7.99 -3.81
N GLU B 94 15.63 -9.30 -3.69
CA GLU B 94 15.97 -10.24 -4.77
C GLU B 94 15.29 -9.85 -6.09
N ALA B 95 14.02 -9.46 -6.00
CA ALA B 95 13.25 -8.96 -7.14
C ALA B 95 13.86 -7.73 -7.81
N MET B 96 14.53 -6.89 -7.02
CA MET B 96 15.21 -5.68 -7.52
C MET B 96 16.43 -6.01 -8.38
N GLY B 97 16.84 -7.26 -8.38
CA GLY B 97 17.92 -7.73 -9.24
C GLY B 97 19.29 -7.67 -8.60
N LEU B 98 19.33 -7.83 -7.29
CA LEU B 98 20.59 -7.90 -6.57
C LEU B 98 20.86 -9.31 -6.05
N LYS B 99 22.04 -9.82 -6.37
CA LYS B 99 22.55 -11.06 -5.79
C LYS B 99 23.59 -10.67 -4.75
N ALA B 100 23.38 -11.13 -3.51
CA ALA B 100 24.29 -10.84 -2.40
C ALA B 100 24.20 -11.91 -1.32
N LYS B 101 25.05 -11.78 -0.29
CA LYS B 101 24.93 -12.62 0.90
C LYS B 101 23.93 -11.97 1.85
N TYR B 102 22.82 -12.68 2.08
CA TYR B 102 21.78 -12.22 2.99
C TYR B 102 21.95 -12.89 4.35
N VAL B 103 22.20 -12.10 5.39
CA VAL B 103 22.49 -12.61 6.73
C VAL B 103 21.57 -11.96 7.77
N TYR B 104 20.86 -12.80 8.54
CA TYR B 104 20.12 -12.33 9.69
C TYR B 104 21.11 -11.91 10.76
N GLY B 105 20.83 -10.77 11.41
CA GLY B 105 21.74 -10.20 12.40
C GLY B 105 22.01 -11.16 13.54
N SER B 106 20.98 -11.85 13.99
CA SER B 106 21.06 -12.70 15.18
C SER B 106 21.83 -14.00 14.97
N GLU B 107 22.42 -14.17 13.79
CA GLU B 107 23.21 -15.36 13.49
C GLU B 107 24.59 -15.28 14.14
N PHE B 108 25.07 -14.06 14.34
CA PHE B 108 26.42 -13.85 14.87
C PHE B 108 26.49 -12.80 15.99
N MET B 109 25.36 -12.15 16.27
CA MET B 109 25.34 -10.98 17.17
C MET B 109 25.11 -11.32 18.65
N LEU B 110 25.12 -12.61 18.99
CA LEU B 110 24.89 -13.06 20.36
C LEU B 110 25.99 -13.99 20.87
N ASP B 111 26.99 -14.24 20.05
CA ASP B 111 28.13 -15.06 20.45
C ASP B 111 28.95 -14.37 21.55
N LYS B 112 29.42 -15.17 22.51
CA LYS B 112 30.26 -14.72 23.63
C LYS B 112 31.18 -13.55 23.33
N ASP B 113 31.98 -13.69 22.27
CA ASP B 113 33.07 -12.76 21.98
C ASP B 113 32.55 -11.48 21.36
N TYR B 114 31.51 -11.61 20.53
CA TYR B 114 30.80 -10.48 19.96
C TYR B 114 30.23 -9.61 21.08
N THR B 115 29.49 -10.26 21.99
CA THR B 115 28.91 -9.60 23.16
C THR B 115 29.99 -8.93 24.00
N LEU B 116 31.11 -9.62 24.17
CA LEU B 116 32.22 -9.08 24.94
C LEU B 116 32.73 -7.81 24.27
N ASN B 117 32.77 -7.83 22.93
CA ASN B 117 33.27 -6.69 22.19
C ASN B 117 32.30 -5.51 22.18
N VAL B 118 31.01 -5.81 22.25
CA VAL B 118 29.97 -4.79 22.43
C VAL B 118 30.24 -4.04 23.72
N TYR B 119 30.49 -4.79 24.79
CA TYR B 119 30.77 -4.19 26.09
C TYR B 119 32.09 -3.43 26.09
N ARG B 120 33.08 -3.96 25.37
CA ARG B 120 34.35 -3.25 25.18
C ARG B 120 34.10 -1.88 24.55
N LEU B 121 33.22 -1.83 23.54
CA LEU B 121 32.88 -0.56 22.88
C LEU B 121 31.99 0.31 23.75
N ALA B 122 31.19 -0.33 24.60
CA ALA B 122 30.31 0.38 25.53
C ALA B 122 31.10 1.21 26.53
N LEU B 123 32.31 0.73 26.87
CA LEU B 123 33.28 1.47 27.67
C LEU B 123 33.83 2.68 26.95
N LYS B 124 33.87 2.62 25.61
CA LYS B 124 34.50 3.66 24.79
C LYS B 124 33.51 4.68 24.25
N THR B 125 32.22 4.38 24.37
CA THR B 125 31.20 5.27 23.83
C THR B 125 30.41 5.97 24.94
N THR B 126 30.39 7.30 24.89
CA THR B 126 29.63 8.07 25.86
C THR B 126 28.13 7.98 25.55
N LEU B 127 27.34 8.02 26.60
CA LEU B 127 25.89 8.02 26.47
C LEU B 127 25.40 9.15 25.56
N LYS B 128 26.01 10.33 25.67
CA LYS B 128 25.60 11.47 24.86
C LYS B 128 25.90 11.24 23.38
N ARG B 129 27.10 10.75 23.10
CA ARG B 129 27.51 10.41 21.74
C ARG B 129 26.56 9.36 21.13
N ALA B 130 26.23 8.31 21.90
CA ALA B 130 25.36 7.25 21.41
C ALA B 130 23.92 7.71 21.18
N ARG B 131 23.44 8.62 22.03
CA ARG B 131 22.09 9.15 21.92
C ARG B 131 21.97 10.07 20.70
N ARG B 132 23.06 10.76 20.39
CA ARG B 132 23.12 11.67 19.26
C ARG B 132 23.09 10.88 17.95
N SER B 133 23.76 9.74 17.94
CA SER B 133 23.84 8.89 16.77
C SER B 133 22.48 8.27 16.40
N MET B 134 21.55 8.32 17.35
CA MET B 134 20.27 7.65 17.22
C MET B 134 19.12 8.62 16.96
N GLU B 135 19.43 9.91 16.88
CA GLU B 135 18.40 10.94 16.70
C GLU B 135 17.46 10.66 15.53
N LEU B 136 18.00 10.17 14.42
CA LEU B 136 17.22 9.98 13.20
C LEU B 136 16.88 8.52 12.91
N ILE B 137 17.13 7.65 13.89
CA ILE B 137 16.92 6.21 13.75
C ILE B 137 15.94 5.67 14.78
N ALA B 138 16.08 6.11 16.03
CA ALA B 138 15.30 5.59 17.14
C ALA B 138 13.80 5.85 16.96
N ARG B 139 12.99 4.89 17.39
CA ARG B 139 11.55 5.07 17.45
C ARG B 139 11.24 6.21 18.42
N GLU B 140 10.21 6.99 18.12
CA GLU B 140 9.81 8.06 19.03
C GLU B 140 9.30 7.47 20.33
N ASP B 141 9.94 7.86 21.42
CA ASP B 141 9.58 7.39 22.74
C ASP B 141 9.79 8.53 23.73
N GLU B 142 8.75 8.83 24.48
CA GLU B 142 8.82 9.84 25.54
C GLU B 142 9.73 9.37 26.68
N ASN B 143 9.98 8.07 26.72
CA ASN B 143 10.81 7.45 27.76
C ASN B 143 11.90 6.54 27.17
N PRO B 144 12.96 7.15 26.62
CA PRO B 144 14.01 6.41 25.91
C PRO B 144 14.56 5.24 26.72
N LYS B 145 14.69 4.09 26.07
CA LYS B 145 15.09 2.86 26.71
C LYS B 145 16.61 2.69 26.65
N VAL B 146 17.13 1.83 27.51
CA VAL B 146 18.56 1.48 27.47
C VAL B 146 18.91 0.85 26.11
N ALA B 147 17.97 0.09 25.57
CA ALA B 147 18.09 -0.53 24.25
C ALA B 147 18.50 0.46 23.15
N GLU B 148 18.02 1.70 23.25
CA GLU B 148 18.35 2.75 22.30
C GLU B 148 19.86 3.00 22.16
N VAL B 149 20.59 2.96 23.27
CA VAL B 149 22.04 3.22 23.25
C VAL B 149 22.87 1.96 23.02
N ILE B 150 22.27 0.78 23.14
CA ILE B 150 22.96 -0.47 22.83
C ILE B 150 23.01 -0.65 21.32
N TYR B 151 21.97 -0.18 20.65
CA TYR B 151 21.82 -0.27 19.19
C TYR B 151 23.06 0.22 18.41
N PRO B 152 23.50 1.47 18.65
CA PRO B 152 24.61 1.98 17.86
C PRO B 152 25.90 1.19 18.03
N ILE B 153 26.19 0.74 19.25
CA ILE B 153 27.42 -0.01 19.51
C ILE B 153 27.39 -1.38 18.83
N MET B 154 26.21 -1.98 18.79
CA MET B 154 26.03 -3.27 18.15
C MET B 154 26.15 -3.21 16.64
N GLN B 155 25.70 -2.12 16.04
CA GLN B 155 25.94 -1.87 14.61
C GLN B 155 27.44 -1.67 14.32
N VAL B 156 28.10 -0.83 15.12
CA VAL B 156 29.55 -0.59 15.00
C VAL B 156 30.34 -1.89 15.08
N ASN B 157 29.97 -2.74 16.05
CA ASN B 157 30.59 -4.05 16.18
C ASN B 157 30.26 -4.97 15.01
N GLY B 158 29.02 -4.91 14.55
CA GLY B 158 28.59 -5.60 13.32
C GLY B 158 29.49 -5.26 12.15
N ILE B 159 29.66 -3.97 11.92
CA ILE B 159 30.58 -3.45 10.91
C ILE B 159 31.97 -4.05 11.07
N HIS B 160 32.44 -4.12 12.32
CA HIS B 160 33.72 -4.74 12.63
C HIS B 160 33.74 -6.24 12.33
N TYR B 161 32.68 -6.96 12.73
CA TYR B 161 32.63 -8.42 12.59
C TYR B 161 32.58 -8.86 11.13
N VAL B 162 31.76 -8.17 10.34
CA VAL B 162 31.59 -8.48 8.92
C VAL B 162 32.90 -8.25 8.16
N GLY B 163 33.58 -7.16 8.49
CA GLY B 163 34.85 -6.81 7.83
C GLY B 163 34.64 -6.26 6.44
N GLY B 164 33.63 -5.41 6.26
CA GLY B 164 33.39 -4.76 4.98
C GLY B 164 34.32 -3.58 4.77
N ASP B 165 34.91 -3.50 3.59
CA ASP B 165 35.74 -2.36 3.20
C ASP B 165 34.90 -1.09 3.20
N VAL B 166 33.63 -1.26 2.84
CA VAL B 166 32.69 -0.16 2.64
C VAL B 166 31.42 -0.42 3.42
N ALA B 167 30.87 0.64 4.02
CA ALA B 167 29.58 0.61 4.68
C ALA B 167 28.66 1.63 4.03
N VAL B 168 27.44 1.20 3.73
CA VAL B 168 26.51 2.04 2.98
C VAL B 168 25.22 2.21 3.76
N GLY B 169 24.65 3.40 3.70
CA GLY B 169 23.37 3.69 4.34
C GLY B 169 22.87 5.09 4.03
N GLY B 170 21.72 5.45 4.60
CA GLY B 170 21.22 6.80 4.46
C GLY B 170 22.00 7.76 5.36
N MET B 171 21.74 9.06 5.20
CA MET B 171 22.39 10.06 6.04
C MET B 171 22.03 9.95 7.53
N GLU B 172 20.96 9.20 7.85
CA GLU B 172 20.59 8.91 9.25
C GLU B 172 21.67 8.07 9.94
N GLN B 173 22.36 7.25 9.16
CA GLN B 173 23.36 6.31 9.67
C GLN B 173 24.71 7.00 9.89
N ARG B 174 24.81 8.26 9.49
CA ARG B 174 26.05 9.02 9.45
C ARG B 174 26.83 8.98 10.78
N LYS B 175 26.16 9.37 11.85
CA LYS B 175 26.80 9.48 13.16
C LYS B 175 27.31 8.16 13.73
N ILE B 176 26.54 7.09 13.52
CA ILE B 176 26.94 5.73 13.89
C ILE B 176 28.14 5.29 13.05
N HIS B 177 28.22 5.75 11.82
CA HIS B 177 29.35 5.45 10.96
C HIS B 177 30.59 6.24 11.36
N MET B 178 30.39 7.49 11.76
CA MET B 178 31.47 8.31 12.30
C MET B 178 32.05 7.66 13.56
N LEU B 179 31.16 7.09 14.39
CA LEU B 179 31.57 6.27 15.52
C LEU B 179 32.43 5.08 15.11
N ALA B 180 31.91 4.24 14.21
CA ALA B 180 32.64 3.07 13.70
C ALA B 180 34.05 3.40 13.26
N ARG B 181 34.22 4.54 12.57
CA ARG B 181 35.52 4.92 12.05
C ARG B 181 36.46 5.33 13.17
N GLU B 182 35.89 5.94 14.19
CA GLU B 182 36.64 6.45 15.32
C GLU B 182 37.10 5.36 16.29
N LEU B 183 36.34 4.27 16.40
CA LEU B 183 36.54 3.28 17.46
C LEU B 183 37.18 1.97 17.02
N LEU B 184 37.10 1.67 15.74
CA LEU B 184 37.58 0.39 15.20
C LEU B 184 38.99 0.52 14.63
N PRO B 185 39.77 -0.59 14.65
CA PRO B 185 41.14 -0.57 14.14
C PRO B 185 41.18 -0.24 12.65
N LYS B 186 40.24 -0.82 11.91
CA LYS B 186 40.12 -0.64 10.48
C LYS B 186 39.00 0.35 10.20
N LYS B 187 39.37 1.50 9.63
CA LYS B 187 38.41 2.51 9.22
C LYS B 187 37.64 2.05 7.99
N VAL B 188 36.32 2.09 8.08
CA VAL B 188 35.47 1.69 6.97
C VAL B 188 35.10 2.89 6.11
N VAL B 189 35.11 2.69 4.80
CA VAL B 189 34.69 3.73 3.87
C VAL B 189 33.16 3.81 3.91
N CYS B 190 32.65 5.01 4.13
CA CYS B 190 31.22 5.20 4.27
C CYS B 190 30.63 5.91 3.07
N ILE B 191 29.57 5.32 2.53
CA ILE B 191 28.81 5.92 1.46
C ILE B 191 27.41 6.19 1.99
N HIS B 192 27.03 7.46 2.00
CA HIS B 192 25.73 7.86 2.51
C HIS B 192 24.82 8.34 1.42
N ASN B 193 23.64 7.75 1.40
CA ASN B 193 22.62 8.08 0.42
C ASN B 193 21.70 9.14 0.97
N PRO B 194 21.17 10.01 0.07
CA PRO B 194 20.22 11.05 0.46
C PRO B 194 18.95 10.47 1.08
N VAL B 195 18.33 11.25 1.96
CA VAL B 195 17.08 10.86 2.60
C VAL B 195 15.94 11.47 1.79
N LEU B 196 15.12 10.61 1.20
CA LEU B 196 13.99 11.06 0.40
C LEU B 196 12.93 11.78 1.25
N THR B 197 12.25 12.75 0.65
CA THR B 197 11.20 13.50 1.35
C THR B 197 9.87 12.75 1.23
N GLY B 198 9.02 12.88 2.26
CA GLY B 198 7.70 12.27 2.26
C GLY B 198 6.81 12.89 1.20
N LEU B 199 5.78 12.14 0.80
CA LEU B 199 4.87 12.58 -0.28
C LEU B 199 4.15 13.89 0.04
N ASP B 200 3.71 14.07 1.28
CA ASP B 200 3.04 15.31 1.68
C ASP B 200 4.02 16.45 1.91
N GLY B 201 5.32 16.12 1.88
CA GLY B 201 6.38 17.12 1.91
C GLY B 201 6.96 17.44 3.27
N GLU B 202 6.37 16.91 4.33
CA GLU B 202 6.77 17.27 5.69
C GLU B 202 7.68 16.24 6.32
N GLY B 203 8.84 16.71 6.76
CA GLY B 203 9.80 15.87 7.48
C GLY B 203 10.64 15.10 6.49
N LYS B 204 10.69 13.79 6.68
CA LYS B 204 11.33 12.90 5.72
C LYS B 204 10.49 11.64 5.54
N MET B 205 10.87 10.84 4.56
CA MET B 205 10.08 9.71 4.12
C MET B 205 10.48 8.43 4.85
N SER B 206 9.73 8.10 5.89
CA SER B 206 9.95 6.87 6.66
C SER B 206 8.83 5.85 6.43
N SER B 207 9.13 4.58 6.70
CA SER B 207 8.15 3.49 6.56
C SER B 207 7.02 3.60 7.59
N SER B 208 7.30 4.20 8.74
CA SER B 208 6.29 4.30 9.81
C SER B 208 5.39 5.53 9.63
N LYS B 209 5.75 6.41 8.70
CA LYS B 209 4.98 7.62 8.44
C LYS B 209 3.97 7.45 7.31
N GLY B 210 4.01 6.31 6.62
CA GLY B 210 3.08 6.01 5.52
C GLY B 210 3.03 7.06 4.44
N ASN B 211 4.18 7.70 4.19
CA ASN B 211 4.31 8.79 3.23
C ASN B 211 5.18 8.39 2.04
N PHE B 212 5.15 7.10 1.73
CA PHE B 212 6.05 6.51 0.75
C PHE B 212 5.34 5.84 -0.41
N ILE B 213 6.09 5.65 -1.50
CA ILE B 213 5.67 4.75 -2.56
C ILE B 213 6.38 3.42 -2.36
N ALA B 214 5.59 2.37 -2.13
CA ALA B 214 6.10 1.02 -2.05
C ALA B 214 6.42 0.54 -3.46
N VAL B 215 7.43 -0.33 -3.57
CA VAL B 215 7.86 -0.84 -4.88
C VAL B 215 6.85 -1.78 -5.55
N ASP B 216 5.88 -2.25 -4.77
CA ASP B 216 4.86 -3.19 -5.25
C ASP B 216 3.47 -2.59 -5.17
N ASP B 217 3.39 -1.29 -4.90
CA ASP B 217 2.14 -0.53 -4.98
C ASP B 217 1.51 -0.68 -6.36
N SER B 218 0.18 -0.66 -6.40
CA SER B 218 -0.55 -0.74 -7.65
C SER B 218 -0.40 0.54 -8.46
N PRO B 219 -0.36 0.41 -9.81
CA PRO B 219 -0.31 1.58 -10.70
C PRO B 219 -1.34 2.66 -10.35
N GLU B 220 -2.50 2.27 -9.84
CA GLU B 220 -3.52 3.26 -9.43
C GLU B 220 -3.08 3.99 -8.15
N GLU B 221 -2.54 3.24 -7.19
CA GLU B 221 -1.95 3.82 -5.97
C GLU B 221 -0.85 4.82 -6.34
N ILE B 222 0.13 4.36 -7.13
CA ILE B 222 1.22 5.22 -7.59
C ILE B 222 0.68 6.53 -8.16
N ARG B 223 -0.25 6.43 -9.11
CA ARG B 223 -0.85 7.61 -9.73
C ARG B 223 -1.56 8.49 -8.71
N ALA B 224 -2.25 7.87 -7.76
CA ALA B 224 -2.96 8.61 -6.71
C ALA B 224 -2.00 9.27 -5.71
N LYS B 225 -0.92 8.56 -5.38
CA LYS B 225 0.07 9.04 -4.44
C LYS B 225 0.87 10.19 -5.04
N ILE B 226 1.33 10.00 -6.27
CA ILE B 226 1.97 11.07 -7.03
C ILE B 226 1.01 12.25 -7.19
N LYS B 227 -0.24 11.96 -7.57
CA LYS B 227 -1.24 12.99 -7.80
C LYS B 227 -1.46 13.85 -6.56
N LYS B 228 -1.56 13.20 -5.40
CA LYS B 228 -1.84 13.87 -4.14
C LYS B 228 -0.64 14.66 -3.60
N ALA B 229 0.55 14.20 -3.95
CA ALA B 229 1.82 14.64 -3.35
C ALA B 229 2.12 16.14 -3.41
N TYR B 230 2.98 16.56 -2.50
CA TYR B 230 3.48 17.94 -2.41
C TYR B 230 4.48 18.21 -3.53
N CYS B 231 4.21 19.22 -4.34
CA CYS B 231 5.04 19.52 -5.51
C CYS B 231 4.75 20.94 -6.01
N PRO B 232 5.20 21.96 -5.25
CA PRO B 232 4.86 23.32 -5.61
C PRO B 232 5.67 23.83 -6.81
N ALA B 233 5.01 24.61 -7.65
CA ALA B 233 5.63 25.10 -8.88
C ALA B 233 6.93 25.84 -8.59
N GLY B 234 7.93 25.61 -9.43
CA GLY B 234 9.24 26.25 -9.28
C GLY B 234 10.08 25.81 -8.09
N VAL B 235 9.51 24.95 -7.24
CA VAL B 235 10.21 24.54 -6.02
C VAL B 235 10.79 23.13 -6.13
N VAL B 236 12.12 23.07 -6.13
CA VAL B 236 12.86 21.81 -6.19
C VAL B 236 13.13 21.26 -4.78
N GLU B 237 13.52 22.16 -3.86
CA GLU B 237 13.88 21.75 -2.49
C GLU B 237 12.70 21.18 -1.74
N GLY B 238 12.89 19.97 -1.20
CA GLY B 238 11.86 19.28 -0.42
C GLY B 238 10.73 18.75 -1.27
N ASN B 239 10.92 18.73 -2.59
CA ASN B 239 9.93 18.25 -3.55
C ASN B 239 10.18 16.78 -3.88
N PRO B 240 9.33 15.88 -3.35
CA PRO B 240 9.54 14.43 -3.46
C PRO B 240 9.38 13.89 -4.88
N ILE B 241 8.59 14.59 -5.70
CA ILE B 241 8.37 14.24 -7.11
C ILE B 241 9.64 14.50 -7.90
N MET B 242 10.22 15.67 -7.68
CA MET B 242 11.51 16.01 -8.27
C MET B 242 12.59 15.00 -7.86
N GLU B 243 12.58 14.61 -6.59
CA GLU B 243 13.53 13.62 -6.09
C GLU B 243 13.45 12.28 -6.83
N ILE B 244 12.22 11.79 -7.03
CA ILE B 244 11.99 10.55 -7.77
C ILE B 244 12.49 10.68 -9.22
N ALA B 245 12.36 11.89 -9.78
CA ALA B 245 12.89 12.19 -11.11
C ALA B 245 14.42 12.15 -11.14
N LYS B 246 15.02 12.67 -10.07
CA LYS B 246 16.49 12.71 -9.94
C LYS B 246 17.08 11.32 -9.73
N TYR B 247 16.49 10.54 -8.83
CA TYR B 247 17.13 9.32 -8.36
C TYR B 247 16.72 8.02 -9.06
N PHE B 248 15.59 8.02 -9.77
CA PHE B 248 15.07 6.78 -10.35
C PHE B 248 14.92 6.75 -11.87
N LEU B 249 14.74 7.90 -12.48
CA LEU B 249 14.37 8.00 -13.90
C LEU B 249 15.55 7.96 -14.86
N GLU B 250 15.35 7.29 -15.98
CA GLU B 250 16.36 7.18 -17.03
C GLU B 250 16.24 8.37 -17.97
N TYR B 251 17.38 8.99 -18.25
CA TYR B 251 17.44 10.12 -19.18
C TYR B 251 18.13 9.70 -20.48
N PRO B 252 17.66 10.23 -21.64
CA PRO B 252 16.71 11.32 -21.82
C PRO B 252 15.28 10.93 -21.47
N LEU B 253 14.56 11.88 -20.88
CA LEU B 253 13.18 11.68 -20.47
C LEU B 253 12.24 12.49 -21.35
N THR B 254 11.24 11.83 -21.93
CA THR B 254 10.19 12.51 -22.68
C THR B 254 8.97 12.68 -21.79
N ILE B 255 8.58 13.94 -21.58
CA ILE B 255 7.40 14.29 -20.81
C ILE B 255 6.23 14.58 -21.76
N LYS B 256 5.23 13.70 -21.76
CA LYS B 256 4.06 13.87 -22.62
C LYS B 256 3.12 14.94 -22.09
N ARG B 257 2.90 15.98 -22.90
CA ARG B 257 1.94 17.04 -22.58
C ARG B 257 1.16 17.42 -23.83
N PRO B 258 -0.12 17.79 -23.67
CA PRO B 258 -0.87 18.31 -24.82
C PRO B 258 -0.22 19.58 -25.38
N GLU B 259 -0.40 19.79 -26.68
CA GLU B 259 0.10 20.99 -27.38
C GLU B 259 -0.50 22.27 -26.78
N LYS B 260 -1.68 22.09 -26.16
CA LYS B 260 -2.41 23.12 -25.44
C LYS B 260 -1.57 23.66 -24.27
N PHE B 261 -0.73 22.81 -23.70
CA PHE B 261 0.12 23.19 -22.57
C PHE B 261 1.61 23.11 -22.89
N GLY B 262 1.95 23.30 -24.16
CA GLY B 262 3.34 23.33 -24.58
C GLY B 262 3.79 22.16 -25.43
N GLY B 263 3.08 21.05 -25.34
CA GLY B 263 3.45 19.84 -26.09
C GLY B 263 4.57 19.07 -25.43
N ASP B 264 4.76 17.84 -25.90
CA ASP B 264 5.80 16.95 -25.39
C ASP B 264 7.16 17.64 -25.35
N LEU B 265 7.93 17.41 -24.28
CA LEU B 265 9.31 17.90 -24.25
C LEU B 265 10.32 16.90 -23.71
N THR B 266 11.33 16.62 -24.52
CA THR B 266 12.40 15.71 -24.18
C THR B 266 13.46 16.46 -23.37
N VAL B 267 13.91 15.85 -22.28
CA VAL B 267 14.95 16.43 -21.43
C VAL B 267 16.14 15.47 -21.33
N ASN B 268 17.31 15.94 -21.73
CA ASN B 268 18.51 15.10 -21.79
C ASN B 268 19.06 14.69 -20.43
N SER B 269 18.80 15.52 -19.42
CA SER B 269 19.35 15.32 -18.07
C SER B 269 18.40 15.85 -16.98
N TYR B 270 18.50 15.29 -15.78
CA TYR B 270 17.74 15.82 -14.64
C TYR B 270 17.99 17.32 -14.39
N GLU B 271 19.23 17.76 -14.61
CA GLU B 271 19.59 19.17 -14.48
C GLU B 271 18.74 20.06 -15.40
N GLU B 272 18.52 19.58 -16.62
CA GLU B 272 17.65 20.29 -17.56
C GLU B 272 16.23 20.39 -17.01
N LEU B 273 15.71 19.26 -16.54
CA LEU B 273 14.40 19.19 -15.90
C LEU B 273 14.31 20.14 -14.71
N GLU B 274 15.32 20.11 -13.86
CA GLU B 274 15.43 21.01 -12.72
C GLU B 274 15.30 22.46 -13.19
N SER B 275 16.07 22.80 -14.23
CA SER B 275 16.07 24.14 -14.82
C SER B 275 14.70 24.56 -15.35
N LEU B 276 14.05 23.65 -16.08
CA LEU B 276 12.72 23.91 -16.64
C LEU B 276 11.67 24.04 -15.56
N PHE B 277 11.81 23.24 -14.50
CA PHE B 277 10.86 23.28 -13.39
C PHE B 277 10.98 24.53 -12.53
N LYS B 278 12.23 24.97 -12.27
CA LYS B 278 12.48 26.16 -11.46
C LYS B 278 11.93 27.43 -12.12
N ASN B 279 12.17 27.58 -13.43
CA ASN B 279 11.64 28.74 -14.14
C ASN B 279 10.28 28.47 -14.79
N LYS B 280 9.41 27.78 -14.03
CA LYS B 280 7.97 27.63 -14.34
C LYS B 280 7.62 27.13 -15.75
N GLU B 281 8.60 26.56 -16.45
CA GLU B 281 8.42 26.11 -17.83
C GLU B 281 7.63 24.80 -17.92
N LEU B 282 7.62 24.06 -16.82
CA LEU B 282 6.90 22.78 -16.74
C LEU B 282 6.02 22.74 -15.49
N HIS B 283 4.73 22.51 -15.70
CA HIS B 283 3.73 22.50 -14.64
C HIS B 283 3.82 21.22 -13.80
N PRO B 284 3.65 21.34 -12.46
CA PRO B 284 3.65 20.19 -11.54
C PRO B 284 2.84 18.98 -12.02
N MET B 285 1.64 19.22 -12.55
CA MET B 285 0.74 18.14 -12.96
C MET B 285 1.30 17.34 -14.14
N ASP B 286 2.07 18.00 -15.01
CA ASP B 286 2.71 17.30 -16.12
C ASP B 286 3.97 16.57 -15.69
N LEU B 287 4.72 17.19 -14.77
CA LEU B 287 5.85 16.55 -14.10
C LEU B 287 5.36 15.26 -13.45
N LYS B 288 4.25 15.38 -12.71
CA LYS B 288 3.67 14.29 -11.96
C LYS B 288 3.29 13.12 -12.85
N ASN B 289 2.58 13.40 -13.93
CA ASN B 289 2.11 12.36 -14.83
C ASN B 289 3.27 11.61 -15.49
N ALA B 290 4.31 12.35 -15.86
CA ALA B 290 5.50 11.76 -16.46
C ALA B 290 6.22 10.85 -15.46
N VAL B 291 6.53 11.41 -14.30
CA VAL B 291 7.18 10.67 -13.21
C VAL B 291 6.38 9.42 -12.84
N ALA B 292 5.06 9.58 -12.71
CA ALA B 292 4.18 8.47 -12.34
C ALA B 292 4.22 7.32 -13.34
N GLU B 293 4.22 7.65 -14.63
CA GLU B 293 4.21 6.62 -15.67
C GLU B 293 5.55 5.91 -15.81
N GLU B 294 6.64 6.67 -15.70
CA GLU B 294 7.99 6.13 -15.79
C GLU B 294 8.33 5.30 -14.56
N LEU B 295 7.78 5.70 -13.41
CA LEU B 295 7.99 4.99 -12.15
C LEU B 295 7.35 3.61 -12.23
N ILE B 296 6.14 3.56 -12.80
CA ILE B 296 5.44 2.30 -13.04
C ILE B 296 6.30 1.38 -13.91
N LYS B 297 6.83 1.92 -15.00
CA LYS B 297 7.64 1.14 -15.95
C LYS B 297 8.89 0.57 -15.29
N ILE B 298 9.46 1.33 -14.36
CA ILE B 298 10.65 0.91 -13.63
C ILE B 298 10.29 -0.13 -12.56
N LEU B 299 9.24 0.14 -11.78
CA LEU B 299 8.81 -0.75 -10.70
C LEU B 299 8.04 -1.99 -11.17
N GLU B 300 7.70 -2.03 -12.45
CA GLU B 300 6.89 -3.11 -13.03
C GLU B 300 7.52 -4.50 -12.90
N PRO B 301 8.79 -4.68 -13.36
CA PRO B 301 9.40 -6.01 -13.22
C PRO B 301 9.46 -6.50 -11.77
N ILE B 302 9.67 -5.58 -10.84
CA ILE B 302 9.74 -5.89 -9.41
C ILE B 302 8.37 -6.34 -8.89
N ARG B 303 7.33 -5.56 -9.20
CA ARG B 303 5.97 -5.90 -8.77
C ARG B 303 5.51 -7.25 -9.32
N LYS B 304 5.95 -7.58 -10.53
CA LYS B 304 5.63 -8.85 -11.18
C LYS B 304 6.21 -10.07 -10.46
N ARG B 305 7.52 -10.02 -10.17
CA ARG B 305 8.23 -11.12 -9.51
C ARG B 305 7.51 -11.59 -8.25
N LEU B 306 7.05 -10.63 -7.45
CA LEU B 306 6.22 -10.90 -6.29
C LEU B 306 4.76 -11.10 -6.73
CA TEF C . -19.44 -3.70 -11.00
N TEF C . -20.19 -3.12 -12.11
OXT TEF C . -17.37 -3.15 -10.03
CB TEF C . -18.69 -4.93 -11.48
N2 TEF C . -22.00 -9.25 -13.15
O TEF C . -18.72 -1.48 -10.54
CG TEF C . -19.61 -6.06 -11.88
N3 TEF C . -23.10 -9.71 -12.43
CD1 TEF C . -19.35 -6.74 -13.06
N4 TEF C . -22.80 -10.92 -14.29
CE1 TEF C . -20.14 -7.81 -13.47
N5 TEF C . -21.77 -9.97 -14.31
CZ TEF C . -21.24 -8.24 -12.73
C7 TEF C . -23.57 -10.74 -13.18
CE2 TEF C . -21.49 -7.53 -11.54
CD2 TEF C . -20.70 -6.46 -11.11
C TEF C . -18.44 -2.70 -10.48
CA TEF D . 19.87 0.82 10.18
N TEF D . 20.42 1.28 11.44
OXT TEF D . 17.64 0.59 9.39
CB TEF D . 19.80 -0.70 10.21
N2 TEF D . 24.76 -3.47 10.50
O TEF D . 18.20 2.49 10.37
CG TEF D . 21.15 -1.37 10.25
N3 TEF D . 25.95 -3.09 9.88
CD1 TEF D . 21.24 -2.54 10.98
N4 TEF D . 26.20 -5.00 11.03
CE1 TEF D . 22.46 -3.22 11.05
N5 TEF D . 24.86 -4.66 11.22
CZ TEF D . 23.61 -2.78 10.40
C7 TEF D . 26.82 -4.07 10.24
CE2 TEF D . 23.46 -1.59 9.67
CD2 TEF D . 22.26 -0.87 9.58
C TEF D . 18.47 1.33 9.97
#